data_5UBY
#
_entry.id   5UBY
#
_cell.length_a   140.098
_cell.length_b   40.121
_cell.length_c   77.195
_cell.angle_alpha   90.00
_cell.angle_beta   104.89
_cell.angle_gamma   90.00
#
_symmetry.space_group_name_H-M   'C 1 2 1'
#
loop_
_entity.id
_entity.type
_entity.pdbx_description
1 polymer 'Heavy chain of Fab fragment of anti-HIV1 gp120 mAb 1A8'
2 polymer 'Light chain of Fab fragment of anti-HIV1 gp120 mAb 1A8'
3 water water
#
loop_
_entity_poly.entity_id
_entity_poly.type
_entity_poly.pdbx_seq_one_letter_code
_entity_poly.pdbx_strand_id
1 'polypeptide(L)'
;QVQLQESGPGLVKPSETLSLTCTVSGGSISSSDYYWGWIRQPPGKGLEWIGSMSYSGRTYYNPSLKSRVTISVDTSKNQF
SLKLSSVTAADTAVYFCASHWRYSGGLFDYWGQGTLVTVSSASTKGPSVFPLAPSSKSTSGGTAALGCLVKDYFPEPVTV
SWNSGALTSGVHTFPAVLQSSGLYSLSSVVTVPSSSLGTQTYICNVNHKPSNTKVDKRVEPKSCDKTH
;
H
2 'polypeptide(L)'
;SYELTQPPSVSVAPGKTARITCGGNNIGSKNVHWYQQKAGQAPVVVVYDYTDRPSGSPERFSGSKSGSTATLTISRVEAG
DEADYYCQVWDSSGDHVVFGGGTKLTVLGQPKAAPSVTLFPPSSEELQANKATLVCLISDFYPGAVTVAWKADSSPVKAG
VETTTPSKQSNNKYAASSYLSLTPEQWKSHRSYSCQVTHEGSTVEKTVAPT
;
L
#
# COMPACT_ATOMS: atom_id res chain seq x y z
N GLN A 1 11.54 26.09 -8.95
CA GLN A 1 12.60 26.37 -9.91
C GLN A 1 13.14 25.10 -10.58
N VAL A 2 13.44 24.04 -9.82
CA VAL A 2 13.96 22.80 -10.40
C VAL A 2 12.79 21.91 -10.79
N GLN A 3 12.85 21.34 -12.02
CA GLN A 3 11.86 20.39 -12.49
C GLN A 3 12.51 19.09 -12.93
N LEU A 4 11.86 17.97 -12.66
CA LEU A 4 12.43 16.66 -12.95
C LEU A 4 11.39 15.78 -13.60
N GLN A 5 11.84 14.92 -14.52
CA GLN A 5 10.97 13.91 -15.11
C GLN A 5 11.75 12.63 -15.35
N GLU A 6 11.16 11.50 -14.96
CA GLU A 6 11.75 10.18 -15.08
C GLU A 6 11.34 9.50 -16.37
N SER A 7 12.26 8.72 -16.94
CA SER A 7 11.96 7.82 -18.05
C SER A 7 12.32 6.40 -17.66
N GLY A 8 11.37 5.48 -17.84
CA GLY A 8 11.59 4.09 -17.46
C GLY A 8 10.83 3.13 -18.34
N PRO A 9 11.02 1.84 -18.11
CA PRO A 9 10.51 0.79 -19.02
C PRO A 9 9.16 0.19 -18.68
N GLY A 10 8.52 0.59 -17.57
CA GLY A 10 7.22 0.05 -17.20
C GLY A 10 7.27 -1.35 -16.62
N LEU A 11 7.75 -2.30 -17.41
CA LEU A 11 7.84 -3.71 -17.01
C LEU A 11 9.28 -4.18 -17.15
N VAL A 12 9.75 -4.97 -16.18
CA VAL A 12 11.11 -5.51 -16.18
C VAL A 12 11.07 -6.96 -15.75
N LYS A 13 11.74 -7.81 -16.51
CA LYS A 13 11.69 -9.23 -16.24
C LYS A 13 12.50 -9.55 -14.98
N PRO A 14 12.02 -10.46 -14.12
CA PRO A 14 12.78 -10.87 -12.93
C PRO A 14 14.24 -11.16 -13.23
N SER A 15 15.06 -11.06 -12.18
CA SER A 15 16.50 -11.28 -12.20
C SER A 15 17.24 -10.20 -12.98
N GLU A 16 16.58 -9.53 -13.93
CA GLU A 16 17.29 -8.60 -14.79
C GLU A 16 17.57 -7.26 -14.13
N THR A 17 17.82 -6.22 -14.94
CA THR A 17 18.37 -4.98 -14.44
C THR A 17 17.51 -3.78 -14.84
N LEU A 18 17.01 -3.07 -13.83
CA LEU A 18 16.22 -1.87 -14.02
C LEU A 18 17.13 -0.68 -14.35
N SER A 19 16.73 0.13 -15.35
CA SER A 19 17.49 1.33 -15.66
C SER A 19 16.54 2.49 -15.89
N LEU A 20 16.62 3.51 -15.04
CA LEU A 20 15.83 4.72 -15.20
C LEU A 20 16.73 5.88 -15.57
N THR A 21 16.11 6.92 -16.07
CA THR A 21 16.79 8.16 -16.41
C THR A 21 15.95 9.30 -15.92
N CYS A 22 16.60 10.37 -15.50
CA CYS A 22 15.93 11.58 -15.06
C CYS A 22 16.47 12.76 -15.84
N THR A 23 15.57 13.65 -16.23
CA THR A 23 15.89 14.90 -16.92
C THR A 23 15.62 16.07 -15.99
N VAL A 24 16.57 16.98 -15.89
CA VAL A 24 16.44 18.14 -15.01
C VAL A 24 16.40 19.40 -15.85
N SER A 25 15.71 20.42 -15.33
CA SER A 25 15.88 21.76 -15.83
C SER A 25 15.55 22.74 -14.71
N GLY A 26 16.13 23.94 -14.82
CA GLY A 26 16.07 24.95 -13.78
C GLY A 26 17.23 24.90 -12.82
N GLY A 27 18.10 23.90 -12.94
CA GLY A 27 19.40 23.91 -12.30
C GLY A 27 20.30 22.97 -13.08
N SER A 28 21.60 23.18 -12.94
CA SER A 28 22.57 22.28 -13.55
C SER A 28 22.88 21.14 -12.59
N ILE A 29 22.96 19.94 -13.16
CA ILE A 29 23.42 18.73 -12.46
C ILE A 29 24.72 19.00 -11.71
N SER A 30 25.49 19.98 -12.17
CA SER A 30 26.85 20.17 -11.69
C SER A 30 26.95 21.06 -10.48
N SER A 31 25.84 21.62 -10.02
CA SER A 31 25.87 22.49 -8.84
C SER A 31 26.47 21.78 -7.63
N SER A 32 27.42 22.45 -6.98
CA SER A 32 27.90 21.99 -5.69
C SER A 32 26.80 22.04 -4.61
N ASP A 33 25.71 22.76 -4.88
CA ASP A 33 24.64 22.93 -3.91
C ASP A 33 23.67 21.77 -3.87
N TYR A 34 23.78 20.82 -4.80
CA TYR A 34 22.79 19.77 -4.94
C TYR A 34 23.42 18.38 -4.98
N TYR A 35 22.64 17.42 -4.49
CA TYR A 35 22.77 16.02 -4.82
C TYR A 35 21.55 15.60 -5.63
N TRP A 36 21.61 14.41 -6.23
CA TRP A 36 20.54 13.96 -7.11
C TRP A 36 20.08 12.57 -6.68
N GLY A 37 18.77 12.43 -6.45
CA GLY A 37 18.26 11.27 -5.74
C GLY A 37 17.22 10.40 -6.42
N TRP A 38 17.18 9.13 -6.03
CA TRP A 38 16.15 8.20 -6.44
C TRP A 38 15.41 7.70 -5.21
N ILE A 39 14.08 7.70 -5.29
CA ILE A 39 13.21 7.38 -4.17
C ILE A 39 12.06 6.53 -4.72
N ARG A 40 11.81 5.38 -4.10
CA ARG A 40 10.73 4.55 -4.59
C ARG A 40 9.65 4.40 -3.54
N GLN A 41 8.48 3.95 -4.01
CA GLN A 41 7.28 3.85 -3.18
C GLN A 41 6.42 2.72 -3.74
N PRO A 42 6.44 1.54 -3.10
CA PRO A 42 5.58 0.46 -3.55
C PRO A 42 4.12 0.81 -3.32
N PRO A 43 3.22 0.33 -4.18
CA PRO A 43 1.85 0.85 -4.16
C PRO A 43 1.22 0.74 -2.78
N GLY A 44 0.68 1.86 -2.29
CA GLY A 44 0.02 1.84 -1.01
C GLY A 44 0.93 1.54 0.16
N LYS A 45 2.24 1.68 -0.04
CA LYS A 45 3.16 1.61 1.08
C LYS A 45 3.98 2.90 1.16
N GLY A 46 5.10 2.87 1.86
CA GLY A 46 5.80 4.08 2.22
C GLY A 46 6.95 4.43 1.27
N LEU A 47 7.57 5.57 1.57
CA LEU A 47 8.68 6.07 0.77
C LEU A 47 9.99 5.44 1.21
N GLU A 48 10.75 4.91 0.24
CA GLU A 48 12.06 4.34 0.50
C GLU A 48 13.10 5.07 -0.36
N TRP A 49 14.08 5.70 0.29
CA TRP A 49 15.15 6.34 -0.45
C TRP A 49 16.16 5.32 -0.93
N ILE A 50 16.63 5.50 -2.17
CA ILE A 50 17.50 4.51 -2.85
C ILE A 50 18.95 4.96 -2.83
N GLY A 51 19.23 6.13 -3.40
CA GLY A 51 20.57 6.70 -3.34
C GLY A 51 20.57 8.14 -3.82
N SER A 52 21.65 8.84 -3.52
CA SER A 52 21.83 10.21 -3.95
C SER A 52 23.25 10.43 -4.42
N MET A 53 23.42 11.14 -5.54
CA MET A 53 24.74 11.38 -6.13
C MET A 53 25.00 12.88 -6.34
N SER A 54 26.23 13.29 -6.00
CA SER A 54 26.75 14.61 -6.27
C SER A 54 27.62 14.58 -7.52
N TYR A 55 27.72 15.73 -8.21
CA TYR A 55 28.65 15.83 -9.32
C TYR A 55 30.07 15.55 -8.86
N SER A 56 30.49 16.26 -7.80
CA SER A 56 31.79 16.16 -7.15
C SER A 56 32.31 14.72 -7.10
N GLY A 57 31.41 13.77 -6.88
CA GLY A 57 31.79 12.37 -6.91
C GLY A 57 31.10 11.56 -5.84
N ARG A 58 30.86 12.18 -4.67
CA ARG A 58 30.26 11.49 -3.53
C ARG A 58 28.92 10.87 -3.92
N THR A 59 28.68 9.65 -3.43
CA THR A 59 27.44 8.94 -3.67
C THR A 59 27.02 8.25 -2.39
N TYR A 60 25.79 8.51 -1.92
CA TYR A 60 25.27 7.91 -0.70
C TYR A 60 24.21 6.87 -1.07
N TYR A 61 24.08 5.84 -0.24
CA TYR A 61 23.30 4.67 -0.61
C TYR A 61 22.34 4.27 0.50
N ASN A 62 21.24 3.64 0.09
CA ASN A 62 20.43 2.88 1.03
C ASN A 62 21.17 1.61 1.41
N PRO A 63 21.48 1.40 2.69
CA PRO A 63 22.30 0.23 3.06
C PRO A 63 21.77 -1.12 2.55
N SER A 64 20.48 -1.44 2.74
CA SER A 64 20.00 -2.71 2.19
C SER A 64 19.96 -2.73 0.67
N LEU A 65 20.38 -1.67 0.00
CA LEU A 65 20.32 -1.66 -1.46
C LEU A 65 21.66 -1.42 -2.14
N LYS A 66 22.60 -0.72 -1.49
CA LYS A 66 23.95 -0.47 -2.02
C LYS A 66 24.45 -1.57 -2.94
N SER A 67 24.42 -2.81 -2.46
CA SER A 67 24.80 -3.98 -3.25
C SER A 67 24.35 -3.89 -4.72
N ARG A 68 23.10 -3.52 -4.97
CA ARG A 68 22.51 -3.67 -6.30
C ARG A 68 22.23 -2.36 -7.06
N VAL A 69 22.49 -1.21 -6.48
CA VAL A 69 22.12 0.03 -7.14
C VAL A 69 23.37 0.66 -7.71
N THR A 70 23.21 1.30 -8.87
CA THR A 70 24.25 2.12 -9.50
C THR A 70 23.65 3.45 -9.91
N ILE A 71 24.40 4.54 -9.74
CA ILE A 71 23.89 5.87 -10.04
C ILE A 71 24.94 6.66 -10.82
N SER A 72 24.49 7.42 -11.81
CA SER A 72 25.36 8.09 -12.77
C SER A 72 24.76 9.43 -13.18
N VAL A 73 25.61 10.42 -13.49
CA VAL A 73 25.14 11.71 -13.98
C VAL A 73 25.79 12.03 -15.33
N ASP A 74 25.15 12.93 -16.08
CA ASP A 74 25.61 13.38 -17.41
C ASP A 74 25.38 14.88 -17.53
N THR A 75 26.45 15.65 -17.31
CA THR A 75 26.34 17.11 -17.35
C THR A 75 25.90 17.59 -18.73
N SER A 76 26.39 16.96 -19.79
CA SER A 76 26.05 17.34 -21.17
C SER A 76 24.55 17.36 -21.39
N LYS A 77 23.88 16.27 -21.04
CA LYS A 77 22.44 16.22 -21.17
C LYS A 77 21.73 16.76 -19.94
N ASN A 78 22.47 17.15 -18.91
CA ASN A 78 21.86 17.58 -17.66
C ASN A 78 20.86 16.53 -17.17
N GLN A 79 21.29 15.28 -17.20
CA GLN A 79 20.48 14.15 -16.77
C GLN A 79 21.21 13.35 -15.71
N PHE A 80 20.50 12.43 -15.07
CA PHE A 80 21.15 11.42 -14.26
C PHE A 80 20.29 10.17 -14.27
N SER A 81 20.87 9.07 -13.79
CA SER A 81 20.28 7.77 -14.04
C SER A 81 20.44 6.87 -12.82
N LEU A 82 19.76 5.74 -12.90
CA LEU A 82 19.80 4.71 -11.88
C LEU A 82 19.87 3.39 -12.62
N LYS A 83 20.53 2.43 -11.99
CA LYS A 83 20.42 1.04 -12.41
C LYS A 83 20.28 0.20 -11.14
N LEU A 84 19.24 -0.62 -11.13
CA LEU A 84 18.97 -1.54 -10.04
C LEU A 84 19.10 -2.94 -10.62
N SER A 85 19.91 -3.76 -9.98
CA SER A 85 20.29 -5.05 -10.56
C SER A 85 19.53 -6.19 -9.88
N SER A 86 19.56 -7.34 -10.54
CA SER A 86 18.98 -8.58 -10.03
C SER A 86 17.64 -8.31 -9.36
N VAL A 87 16.71 -7.86 -10.20
CA VAL A 87 15.47 -7.24 -9.79
C VAL A 87 14.41 -8.31 -9.56
N THR A 88 13.63 -8.13 -8.51
CA THR A 88 12.70 -9.14 -8.03
C THR A 88 11.31 -8.53 -7.92
N ALA A 89 10.31 -9.37 -7.69
CA ALA A 89 8.93 -8.87 -7.53
C ALA A 89 8.83 -7.78 -6.48
N ALA A 90 9.69 -7.83 -5.45
CA ALA A 90 9.67 -6.86 -4.37
C ALA A 90 10.23 -5.51 -4.77
N ASP A 91 10.59 -5.35 -6.04
CA ASP A 91 11.07 -4.09 -6.55
C ASP A 91 10.01 -3.33 -7.34
N THR A 92 8.81 -3.93 -7.51
CA THR A 92 7.71 -3.22 -8.12
C THR A 92 7.38 -2.02 -7.26
N ALA A 93 7.43 -0.82 -7.86
CA ALA A 93 7.23 0.40 -7.10
C ALA A 93 7.15 1.56 -8.09
N VAL A 94 6.66 2.68 -7.58
CA VAL A 94 6.86 3.96 -8.24
C VAL A 94 8.23 4.47 -7.87
N TYR A 95 9.00 4.85 -8.88
CA TYR A 95 10.33 5.43 -8.71
C TYR A 95 10.30 6.91 -9.05
N PHE A 96 10.64 7.75 -8.06
CA PHE A 96 10.77 9.19 -8.20
C PHE A 96 12.24 9.57 -8.29
N CYS A 97 12.54 10.61 -9.08
CA CYS A 97 13.79 11.34 -8.93
C CYS A 97 13.50 12.68 -8.28
N ALA A 98 14.41 13.14 -7.44
CA ALA A 98 14.25 14.43 -6.80
C ALA A 98 15.61 15.09 -6.73
N SER A 99 15.59 16.42 -6.80
CA SER A 99 16.75 17.21 -6.41
C SER A 99 16.97 17.10 -4.89
N HIS A 100 18.21 16.83 -4.50
CA HIS A 100 18.59 16.58 -3.11
C HIS A 100 19.39 17.80 -2.65
N TRP A 101 18.66 18.77 -2.09
CA TRP A 101 19.26 20.01 -1.59
C TRP A 101 20.20 19.72 -0.43
N ARG A 102 21.47 20.04 -0.63
CA ARG A 102 22.60 19.59 0.18
C ARG A 102 22.60 20.19 1.59
N TYR A 103 21.83 21.25 1.85
CA TYR A 103 21.94 22.00 3.10
C TYR A 103 20.87 21.55 4.10
N SER A 104 20.89 22.15 5.30
CA SER A 104 20.06 21.78 6.44
C SER A 104 20.00 20.27 6.60
N GLY A 105 21.13 19.60 6.42
CA GLY A 105 21.17 18.16 6.56
C GLY A 105 20.56 17.38 5.42
N GLY A 106 20.02 18.05 4.40
CA GLY A 106 19.55 17.36 3.23
C GLY A 106 18.05 17.14 3.19
N LEU A 107 17.41 17.61 2.14
CA LEU A 107 15.99 17.34 1.91
C LEU A 107 15.77 17.31 0.40
N PHE A 108 14.66 16.74 -0.03
CA PHE A 108 14.34 16.70 -1.45
C PHE A 108 13.27 17.76 -1.70
N ASP A 109 13.67 18.87 -2.31
CA ASP A 109 12.77 20.02 -2.47
C ASP A 109 11.97 20.01 -3.76
N TYR A 110 12.43 19.28 -4.78
CA TYR A 110 11.76 19.26 -6.08
C TYR A 110 11.72 17.83 -6.61
N TRP A 111 10.53 17.36 -7.00
CA TRP A 111 10.29 15.96 -7.29
C TRP A 111 9.77 15.79 -8.69
N GLY A 112 10.21 14.72 -9.37
CA GLY A 112 9.49 14.26 -10.52
C GLY A 112 8.13 13.72 -10.13
N GLN A 113 7.26 13.55 -11.12
CA GLN A 113 6.10 12.72 -10.86
C GLN A 113 6.56 11.29 -10.77
N GLY A 114 5.69 10.39 -10.54
CA GLY A 114 6.18 9.03 -10.47
C GLY A 114 6.47 8.40 -11.84
N THR A 115 7.16 7.27 -11.81
CA THR A 115 7.02 6.29 -12.87
C THR A 115 6.86 4.93 -12.22
N LEU A 116 5.75 4.27 -12.51
CA LEU A 116 5.53 2.91 -12.01
C LEU A 116 6.47 1.94 -12.71
N VAL A 117 7.07 1.04 -11.94
CA VAL A 117 7.86 -0.05 -12.51
C VAL A 117 7.32 -1.34 -11.92
N THR A 118 6.77 -2.18 -12.77
CA THR A 118 6.39 -3.52 -12.34
C THR A 118 7.45 -4.50 -12.83
N VAL A 119 7.93 -5.34 -11.92
CA VAL A 119 8.85 -6.40 -12.30
C VAL A 119 8.08 -7.72 -12.26
N SER A 120 8.02 -8.36 -13.41
CA SER A 120 7.17 -9.47 -13.71
C SER A 120 7.55 -9.94 -15.09
N SER A 121 7.22 -11.18 -15.42
CA SER A 121 7.38 -11.58 -16.80
C SER A 121 6.37 -10.81 -17.64
N ALA A 122 6.72 -10.63 -18.91
CA ALA A 122 5.78 -10.04 -19.86
C ALA A 122 4.59 -10.95 -20.14
N SER A 123 4.67 -12.25 -19.80
CA SER A 123 3.64 -13.25 -20.10
C SER A 123 2.26 -12.78 -19.64
N THR A 124 1.21 -13.47 -20.10
CA THR A 124 -0.17 -13.08 -19.80
C THR A 124 -0.91 -14.30 -19.23
N LYS A 125 -1.63 -14.12 -18.12
CA LYS A 125 -2.19 -15.28 -17.43
C LYS A 125 -3.56 -15.00 -16.85
N GLY A 126 -4.57 -15.71 -17.34
CA GLY A 126 -5.91 -15.66 -16.80
C GLY A 126 -6.03 -16.29 -15.43
N PRO A 127 -7.11 -15.97 -14.75
CA PRO A 127 -7.22 -16.31 -13.33
C PRO A 127 -7.96 -17.60 -13.05
N SER A 128 -7.53 -18.28 -12.00
CA SER A 128 -8.35 -19.29 -11.37
C SER A 128 -9.26 -18.60 -10.35
N VAL A 129 -10.58 -18.76 -10.51
CA VAL A 129 -11.53 -18.24 -9.54
C VAL A 129 -12.17 -19.39 -8.77
N PHE A 130 -12.22 -19.26 -7.44
CA PHE A 130 -12.89 -20.22 -6.56
C PHE A 130 -14.04 -19.56 -5.81
N PRO A 131 -15.03 -20.33 -5.39
CA PRO A 131 -16.16 -19.73 -4.68
C PRO A 131 -15.85 -19.47 -3.21
N LEU A 132 -16.28 -18.32 -2.73
CA LEU A 132 -16.29 -18.02 -1.32
C LEU A 132 -17.71 -18.32 -0.83
N ALA A 133 -17.87 -19.51 -0.26
CA ALA A 133 -19.18 -20.02 0.08
C ALA A 133 -19.75 -19.27 1.27
N PRO A 134 -21.09 -19.17 1.34
CA PRO A 134 -21.72 -18.59 2.53
C PRO A 134 -21.74 -19.58 3.69
N SER A 135 -21.56 -19.03 4.89
CA SER A 135 -21.50 -19.81 6.13
C SER A 135 -22.69 -19.47 7.04
N SER A 136 -22.86 -20.30 8.07
CA SER A 136 -23.64 -19.87 9.23
C SER A 136 -23.09 -18.58 9.83
N LYS A 137 -21.77 -18.39 9.73
CA LYS A 137 -21.11 -17.17 10.16
C LYS A 137 -21.31 -16.02 9.17
N SER A 138 -21.29 -16.33 7.87
CA SER A 138 -21.45 -15.32 6.81
C SER A 138 -22.83 -14.68 6.83
N THR A 139 -23.64 -15.02 7.83
CA THR A 139 -24.93 -14.39 8.05
C THR A 139 -24.90 -13.54 9.31
N SER A 140 -25.35 -12.29 9.20
CA SER A 140 -25.81 -11.49 10.33
C SER A 140 -27.33 -11.47 10.35
N GLY A 141 -27.95 -12.60 10.05
CA GLY A 141 -29.39 -12.72 10.03
C GLY A 141 -30.02 -12.12 8.77
N GLY A 142 -30.52 -12.96 7.88
CA GLY A 142 -31.17 -12.49 6.64
C GLY A 142 -30.20 -12.06 5.57
N THR A 143 -29.26 -11.19 5.92
CA THR A 143 -28.12 -10.87 5.08
C THR A 143 -27.07 -11.96 5.28
N ALA A 144 -26.71 -12.65 4.19
CA ALA A 144 -25.59 -13.58 4.14
C ALA A 144 -24.46 -12.99 3.28
N ALA A 145 -23.25 -13.49 3.49
CA ALA A 145 -22.10 -13.10 2.67
C ALA A 145 -21.64 -14.27 1.82
N LEU A 146 -21.14 -13.95 0.62
CA LEU A 146 -20.64 -14.94 -0.34
C LEU A 146 -19.98 -14.18 -1.47
N GLY A 147 -19.06 -14.85 -2.15
CA GLY A 147 -18.27 -14.16 -3.16
C GLY A 147 -17.43 -15.12 -3.99
N CYS A 148 -16.52 -14.51 -4.77
CA CYS A 148 -15.52 -15.25 -5.56
C CYS A 148 -14.14 -14.72 -5.31
N LEU A 149 -13.20 -15.67 -5.15
CA LEU A 149 -11.78 -15.38 -5.08
C LEU A 149 -11.18 -15.49 -6.49
N VAL A 150 -10.55 -14.41 -6.96
CA VAL A 150 -9.98 -14.37 -8.31
C VAL A 150 -8.47 -14.36 -8.17
N LYS A 151 -7.86 -15.55 -8.20
CA LYS A 151 -6.48 -15.69 -7.75
C LYS A 151 -5.54 -15.78 -8.94
N ASP A 152 -4.34 -15.19 -8.77
CA ASP A 152 -3.18 -15.47 -9.61
C ASP A 152 -3.42 -15.24 -11.09
N TYR A 153 -3.43 -13.97 -11.52
CA TYR A 153 -3.60 -13.60 -12.91
C TYR A 153 -2.71 -12.41 -13.23
N PHE A 154 -2.47 -12.18 -14.52
CA PHE A 154 -1.63 -11.07 -14.95
C PHE A 154 -1.80 -10.80 -16.43
N PRO A 155 -1.88 -9.53 -16.85
CA PRO A 155 -1.82 -8.38 -15.93
C PRO A 155 -3.22 -7.87 -15.66
N GLU A 156 -3.31 -6.76 -14.94
CA GLU A 156 -4.54 -5.99 -14.79
C GLU A 156 -5.13 -5.68 -16.16
N PRO A 157 -6.45 -5.44 -16.29
CA PRO A 157 -7.42 -5.48 -15.19
C PRO A 157 -8.34 -6.69 -15.24
N VAL A 158 -9.25 -6.73 -14.27
CA VAL A 158 -10.25 -7.78 -14.19
C VAL A 158 -11.59 -7.14 -13.87
N THR A 159 -12.65 -7.75 -14.39
CA THR A 159 -14.00 -7.23 -14.29
C THR A 159 -14.86 -8.36 -13.77
N VAL A 160 -15.73 -8.07 -12.82
CA VAL A 160 -16.47 -9.12 -12.13
C VAL A 160 -17.92 -8.68 -12.12
N SER A 161 -18.77 -9.39 -12.84
CA SER A 161 -20.20 -9.20 -12.78
C SER A 161 -20.81 -10.33 -11.95
N TRP A 162 -22.08 -10.17 -11.57
CA TRP A 162 -22.78 -11.17 -10.79
C TRP A 162 -24.08 -11.59 -11.48
N ASN A 163 -24.37 -12.89 -11.38
CA ASN A 163 -25.36 -13.58 -12.21
C ASN A 163 -25.14 -13.27 -13.68
N SER A 164 -25.44 -12.05 -14.10
CA SER A 164 -24.89 -11.51 -15.33
C SER A 164 -25.20 -10.03 -15.38
N GLY A 165 -24.84 -9.31 -14.33
CA GLY A 165 -25.21 -7.92 -14.19
C GLY A 165 -26.63 -7.87 -13.67
N ALA A 166 -27.31 -9.03 -13.77
CA ALA A 166 -28.66 -9.20 -13.27
C ALA A 166 -28.75 -9.00 -11.76
N LEU A 167 -27.62 -9.04 -11.07
CA LEU A 167 -27.53 -8.74 -9.65
C LEU A 167 -26.42 -7.71 -9.46
N THR A 168 -26.80 -6.51 -9.00
CA THR A 168 -25.83 -5.46 -8.67
C THR A 168 -26.06 -4.83 -7.31
N SER A 169 -27.20 -5.10 -6.66
CA SER A 169 -27.46 -4.63 -5.31
C SER A 169 -26.55 -5.36 -4.32
N GLY A 170 -25.72 -4.61 -3.60
CA GLY A 170 -24.89 -5.20 -2.57
C GLY A 170 -23.78 -6.05 -3.14
N VAL A 171 -22.88 -5.41 -3.91
CA VAL A 171 -21.75 -6.05 -4.55
C VAL A 171 -20.61 -5.06 -4.45
N HIS A 172 -19.61 -5.35 -3.62
CA HIS A 172 -18.38 -4.58 -3.64
C HIS A 172 -17.28 -5.47 -4.19
N THR A 173 -16.67 -5.02 -5.27
CA THR A 173 -15.54 -5.69 -5.89
C THR A 173 -14.30 -4.96 -5.43
N PHE A 174 -13.40 -5.68 -4.74
CA PHE A 174 -12.21 -5.09 -4.14
C PHE A 174 -11.12 -4.83 -5.18
N PRO A 175 -10.24 -3.87 -4.91
CA PRO A 175 -8.98 -3.77 -5.68
C PRO A 175 -8.09 -4.98 -5.46
N ALA A 176 -7.14 -5.17 -6.40
CA ALA A 176 -6.28 -6.34 -6.45
C ALA A 176 -4.96 -6.10 -5.72
N VAL A 177 -4.49 -7.12 -5.00
CA VAL A 177 -3.13 -7.11 -4.46
C VAL A 177 -2.19 -7.65 -5.52
N LEU A 178 -1.07 -6.96 -5.73
CA LEU A 178 0.06 -7.63 -6.33
C LEU A 178 0.79 -8.34 -5.22
N GLN A 179 1.15 -9.60 -5.44
CA GLN A 179 1.66 -10.44 -4.38
C GLN A 179 2.94 -11.11 -4.84
N SER A 180 3.97 -10.98 -4.01
CA SER A 180 5.32 -11.38 -4.36
C SER A 180 5.34 -12.79 -4.94
N SER A 181 5.33 -12.83 -6.27
CA SER A 181 5.31 -13.99 -7.16
C SER A 181 5.07 -13.44 -8.57
N GLY A 182 4.60 -12.19 -8.63
CA GLY A 182 4.31 -11.53 -9.88
C GLY A 182 2.85 -11.45 -10.25
N LEU A 183 1.95 -11.96 -9.42
CA LEU A 183 0.57 -12.20 -9.81
C LEU A 183 -0.41 -11.38 -8.96
N TYR A 184 -1.61 -11.18 -9.51
CA TYR A 184 -2.67 -10.43 -8.84
C TYR A 184 -3.76 -11.37 -8.34
N SER A 185 -4.40 -10.98 -7.24
CA SER A 185 -5.61 -11.61 -6.76
C SER A 185 -6.62 -10.55 -6.36
N LEU A 186 -7.90 -10.79 -6.62
CA LEU A 186 -8.94 -9.93 -6.07
C LEU A 186 -10.15 -10.75 -5.65
N SER A 187 -11.03 -10.12 -4.87
CA SER A 187 -12.25 -10.78 -4.45
C SER A 187 -13.43 -9.88 -4.76
N SER A 188 -14.59 -10.48 -4.96
CA SER A 188 -15.81 -9.72 -5.10
C SER A 188 -16.87 -10.38 -4.21
N VAL A 189 -17.59 -9.58 -3.43
CA VAL A 189 -18.58 -10.11 -2.50
C VAL A 189 -19.98 -9.72 -2.95
N VAL A 190 -20.97 -10.44 -2.43
CA VAL A 190 -22.37 -10.02 -2.60
C VAL A 190 -23.20 -10.51 -1.42
N THR A 191 -23.96 -9.59 -0.82
CA THR A 191 -24.94 -9.88 0.23
C THR A 191 -26.26 -10.33 -0.37
N VAL A 192 -26.89 -11.33 0.25
CA VAL A 192 -28.10 -11.93 -0.32
C VAL A 192 -29.10 -12.31 0.76
N PRO A 193 -30.36 -12.57 0.35
CA PRO A 193 -31.31 -13.23 1.24
C PRO A 193 -30.87 -14.62 1.69
N SER A 194 -30.59 -14.74 2.97
CA SER A 194 -30.18 -16.01 3.56
C SER A 194 -31.32 -17.01 3.57
N SER A 195 -32.56 -16.52 3.62
CA SER A 195 -33.72 -17.40 3.68
C SER A 195 -33.81 -18.28 2.43
N SER A 196 -33.47 -17.72 1.27
CA SER A 196 -33.59 -18.38 -0.02
C SER A 196 -32.23 -18.87 -0.56
N LEU A 197 -31.24 -19.06 0.32
CA LEU A 197 -29.92 -19.51 -0.13
C LEU A 197 -30.00 -20.84 -0.86
N GLY A 198 -30.80 -21.76 -0.35
CA GLY A 198 -30.91 -23.10 -0.90
C GLY A 198 -31.80 -23.24 -2.12
N THR A 199 -32.47 -22.16 -2.56
CA THR A 199 -33.31 -22.18 -3.75
C THR A 199 -32.76 -21.36 -4.92
N GLN A 200 -31.79 -20.48 -4.67
CA GLN A 200 -31.30 -19.54 -5.66
C GLN A 200 -30.03 -20.07 -6.35
N THR A 201 -29.49 -19.22 -7.22
CA THR A 201 -28.22 -19.49 -7.87
C THR A 201 -27.48 -18.17 -7.94
N TYR A 202 -26.21 -18.19 -7.51
CA TYR A 202 -25.33 -17.02 -7.55
C TYR A 202 -24.07 -17.39 -8.31
N ILE A 203 -23.82 -16.67 -9.40
CA ILE A 203 -22.75 -16.99 -10.32
C ILE A 203 -21.88 -15.76 -10.52
N CYS A 204 -20.58 -15.91 -10.26
CA CYS A 204 -19.58 -14.94 -10.67
C CYS A 204 -19.39 -14.97 -12.17
N ASN A 205 -19.25 -13.80 -12.76
CA ASN A 205 -18.81 -13.69 -14.14
C ASN A 205 -17.51 -12.90 -14.13
N VAL A 206 -16.39 -13.61 -14.26
CA VAL A 206 -15.07 -12.98 -14.21
C VAL A 206 -14.53 -12.92 -15.63
N ASN A 207 -14.21 -11.70 -16.07
CA ASN A 207 -13.61 -11.47 -17.37
C ASN A 207 -12.21 -10.91 -17.16
N HIS A 208 -11.25 -11.49 -17.88
CA HIS A 208 -9.87 -11.01 -17.94
C HIS A 208 -9.58 -10.89 -19.43
N LYS A 209 -9.94 -9.74 -20.02
CA LYS A 209 -9.66 -9.50 -21.42
C LYS A 209 -8.21 -9.81 -21.85
N PRO A 210 -7.17 -9.44 -21.09
CA PRO A 210 -5.80 -9.71 -21.55
C PRO A 210 -5.49 -11.18 -21.81
N SER A 211 -6.42 -12.10 -21.50
CA SER A 211 -6.25 -13.50 -21.80
C SER A 211 -7.44 -14.07 -22.55
N ASN A 212 -8.39 -13.23 -22.92
CA ASN A 212 -9.67 -13.60 -23.55
C ASN A 212 -10.39 -14.75 -22.84
N THR A 213 -10.04 -15.06 -21.59
CA THR A 213 -10.84 -15.99 -20.82
C THR A 213 -12.00 -15.25 -20.14
N LYS A 214 -13.04 -15.99 -19.82
CA LYS A 214 -14.17 -15.42 -19.10
C LYS A 214 -14.82 -16.57 -18.36
N VAL A 215 -14.73 -16.55 -17.02
CA VAL A 215 -15.11 -17.65 -16.17
C VAL A 215 -16.44 -17.34 -15.50
N ASP A 216 -17.36 -18.29 -15.55
CA ASP A 216 -18.53 -18.30 -14.69
C ASP A 216 -18.25 -19.23 -13.53
N LYS A 217 -18.71 -18.85 -12.36
CA LYS A 217 -18.45 -19.68 -11.18
C LYS A 217 -19.69 -19.63 -10.32
N ARG A 218 -20.35 -20.79 -10.17
CA ARG A 218 -21.52 -20.87 -9.30
C ARG A 218 -21.05 -21.07 -7.86
N VAL A 219 -21.63 -20.30 -6.93
CA VAL A 219 -21.26 -20.32 -5.52
C VAL A 219 -22.46 -20.85 -4.76
N GLU A 220 -22.48 -22.14 -4.47
CA GLU A 220 -23.51 -22.73 -3.63
C GLU A 220 -23.13 -22.65 -2.16
N PRO A 221 -24.11 -22.68 -1.24
CA PRO A 221 -23.79 -22.68 0.19
C PRO A 221 -22.89 -23.84 0.56
N LYS A 222 -22.40 -23.82 1.79
CA LYS A 222 -21.65 -24.97 2.26
C LYS A 222 -22.57 -26.20 2.28
N SER A 223 -22.15 -27.24 1.55
CA SER A 223 -23.01 -28.42 1.38
C SER A 223 -23.44 -29.04 2.71
N CYS A 224 -22.54 -29.05 3.70
CA CYS A 224 -22.90 -29.65 4.97
C CYS A 224 -23.84 -28.77 5.81
N ASP A 225 -23.99 -27.49 5.46
CA ASP A 225 -25.03 -26.66 6.08
C ASP A 225 -26.30 -26.60 5.25
N LYS A 226 -26.45 -27.50 4.27
CA LYS A 226 -27.64 -27.54 3.42
C LYS A 226 -28.88 -27.55 4.29
N THR A 227 -29.99 -27.05 3.75
CA THR A 227 -31.18 -26.87 4.56
C THR A 227 -32.34 -27.81 4.21
N HIS A 228 -32.29 -28.49 3.06
CA HIS A 228 -33.31 -29.46 2.64
C HIS A 228 -34.75 -28.98 2.88
N SER B 1 19.20 0.20 10.21
CA SER B 1 19.86 0.87 11.32
C SER B 1 18.89 1.75 12.06
N TYR B 2 18.98 3.05 11.76
CA TYR B 2 18.22 4.09 12.45
C TYR B 2 16.77 4.13 11.96
N GLU B 3 15.83 4.18 12.90
CA GLU B 3 14.43 4.11 12.55
C GLU B 3 13.67 5.35 13.01
N LEU B 4 12.64 5.69 12.25
CA LEU B 4 11.69 6.75 12.59
C LEU B 4 10.32 6.10 12.74
N THR B 5 9.63 6.43 13.82
CA THR B 5 8.35 5.81 14.14
C THR B 5 7.24 6.83 14.01
N GLN B 6 6.24 6.49 13.20
CA GLN B 6 5.10 7.34 12.92
C GLN B 6 3.83 6.55 13.15
N PRO B 7 2.81 7.16 13.71
CA PRO B 7 1.51 6.52 13.74
C PRO B 7 1.00 6.28 12.33
N PRO B 8 0.42 5.12 12.04
CA PRO B 8 -0.12 4.89 10.70
C PRO B 8 -1.29 5.79 10.34
N SER B 9 -2.13 6.15 11.29
CA SER B 9 -3.29 6.94 10.96
C SER B 9 -3.61 7.91 12.11
N VAL B 10 -4.26 9.02 11.75
CA VAL B 10 -4.62 10.10 12.67
C VAL B 10 -5.81 10.83 12.06
N SER B 11 -6.85 11.08 12.87
CA SER B 11 -8.05 11.75 12.36
C SER B 11 -8.40 12.94 13.24
N VAL B 12 -8.73 14.06 12.60
CA VAL B 12 -9.09 15.31 13.26
C VAL B 12 -10.43 15.80 12.73
N ALA B 13 -11.22 16.39 13.61
CA ALA B 13 -12.34 17.19 13.15
C ALA B 13 -11.80 18.47 12.50
N PRO B 14 -12.54 19.01 11.51
CA PRO B 14 -12.09 20.27 10.90
C PRO B 14 -11.98 21.39 11.94
N GLY B 15 -11.09 22.34 11.68
CA GLY B 15 -10.86 23.40 12.63
C GLY B 15 -10.03 22.98 13.82
N LYS B 16 -10.05 21.69 14.17
CA LYS B 16 -9.22 21.21 15.26
C LYS B 16 -7.75 21.14 14.83
N THR B 17 -6.87 20.87 15.79
CA THR B 17 -5.44 20.87 15.53
C THR B 17 -4.92 19.44 15.45
N ALA B 18 -4.17 19.14 14.40
CA ALA B 18 -3.66 17.80 14.15
C ALA B 18 -2.24 17.70 14.65
N ARG B 19 -1.94 16.68 15.43
CA ARG B 19 -0.58 16.44 15.86
C ARG B 19 -0.09 15.11 15.29
N ILE B 20 1.04 15.16 14.59
CA ILE B 20 1.62 14.00 13.97
C ILE B 20 3.04 13.84 14.50
N THR B 21 3.34 12.68 15.06
CA THR B 21 4.58 12.46 15.80
C THR B 21 5.56 11.63 15.00
N CYS B 22 6.85 11.82 15.29
CA CYS B 22 7.94 11.15 14.58
C CYS B 22 9.03 10.80 15.58
N GLY B 23 9.19 9.51 15.89
CA GLY B 23 10.05 9.07 16.96
C GLY B 23 11.37 8.50 16.47
N GLY B 24 12.46 9.13 16.88
CA GLY B 24 13.79 8.63 16.59
C GLY B 24 14.74 8.96 17.72
N ASN B 25 15.72 8.07 17.94
CA ASN B 25 16.68 8.23 19.02
C ASN B 25 17.34 9.60 18.98
N ASN B 26 17.04 10.43 19.98
CA ASN B 26 17.32 11.88 19.99
C ASN B 26 17.17 12.47 18.60
N ILE B 27 15.98 12.36 18.02
CA ILE B 27 15.71 13.08 16.78
C ILE B 27 15.91 14.57 16.99
N GLY B 28 15.84 15.05 18.25
CA GLY B 28 15.83 16.48 18.51
C GLY B 28 17.08 17.19 18.03
N SER B 29 18.20 16.48 17.92
CA SER B 29 19.47 17.13 17.56
C SER B 29 19.71 17.20 16.06
N LYS B 30 18.76 16.79 15.22
CA LYS B 30 18.94 16.80 13.77
C LYS B 30 17.81 17.57 13.10
N ASN B 31 18.12 18.06 11.90
CA ASN B 31 17.10 18.65 11.04
C ASN B 31 15.99 17.64 10.78
N VAL B 32 14.73 18.09 10.90
CA VAL B 32 13.59 17.20 10.70
C VAL B 32 12.60 17.87 9.75
N HIS B 33 12.48 17.33 8.54
CA HIS B 33 11.62 17.88 7.51
C HIS B 33 10.36 17.02 7.35
N TRP B 34 9.30 17.63 6.84
CA TRP B 34 8.06 16.90 6.62
C TRP B 34 7.59 17.02 5.18
N TYR B 35 6.98 15.95 4.69
CA TYR B 35 6.42 15.93 3.34
C TYR B 35 4.94 15.56 3.38
N GLN B 36 4.13 16.34 2.67
CA GLN B 36 2.75 16.01 2.36
C GLN B 36 2.72 15.23 1.05
N GLN B 37 1.82 14.26 0.94
CA GLN B 37 1.66 13.58 -0.33
C GLN B 37 0.21 13.19 -0.44
N LYS B 38 -0.45 13.65 -1.49
CA LYS B 38 -1.81 13.25 -1.76
C LYS B 38 -1.80 12.16 -2.81
N ALA B 39 -2.95 11.50 -2.95
CA ALA B 39 -2.99 10.30 -3.78
C ALA B 39 -2.49 10.58 -5.18
N GLY B 40 -1.68 9.66 -5.68
CA GLY B 40 -1.21 9.75 -7.04
C GLY B 40 -0.32 10.93 -7.34
N GLN B 41 0.24 11.58 -6.32
CA GLN B 41 1.12 12.70 -6.55
C GLN B 41 2.50 12.46 -5.95
N ALA B 42 3.40 13.35 -6.26
CA ALA B 42 4.69 13.33 -5.60
C ALA B 42 4.58 14.10 -4.29
N PRO B 43 5.43 13.77 -3.31
CA PRO B 43 5.48 14.55 -2.08
C PRO B 43 5.89 16.00 -2.33
N VAL B 44 5.26 16.91 -1.58
CA VAL B 44 5.72 18.29 -1.43
C VAL B 44 6.27 18.44 -0.03
N VAL B 45 7.43 19.08 0.09
CA VAL B 45 7.94 19.32 1.42
C VAL B 45 7.08 20.40 2.06
N VAL B 46 6.65 20.15 3.30
CA VAL B 46 5.83 21.11 4.02
C VAL B 46 6.49 21.64 5.28
N VAL B 47 7.62 21.07 5.70
CA VAL B 47 8.40 21.66 6.77
C VAL B 47 9.86 21.62 6.31
N TYR B 48 10.35 22.76 5.83
CA TYR B 48 11.77 22.95 5.62
C TYR B 48 12.36 23.33 6.97
N ASP B 49 13.06 22.40 7.62
CA ASP B 49 13.69 22.67 8.92
C ASP B 49 15.09 23.26 8.68
N TYR B 50 15.10 24.51 8.22
CA TYR B 50 16.33 25.21 7.90
C TYR B 50 17.25 25.29 9.11
N THR B 51 18.52 25.01 8.87
CA THR B 51 19.53 25.18 9.92
C THR B 51 19.76 26.69 10.12
N ASP B 52 19.70 27.13 11.37
CA ASP B 52 20.14 28.46 11.77
C ASP B 52 19.27 29.60 11.25
N ARG B 53 18.01 29.34 10.92
CA ARG B 53 17.06 30.38 10.57
C ARG B 53 15.66 29.78 10.65
N PRO B 54 14.61 30.61 10.64
CA PRO B 54 13.26 30.08 10.81
C PRO B 54 12.92 29.00 9.78
N SER B 55 11.89 28.22 10.12
CA SER B 55 11.36 27.18 9.26
C SER B 55 10.69 27.79 8.04
N GLY B 56 10.32 26.91 7.12
CA GLY B 56 9.44 27.25 6.02
C GLY B 56 8.27 26.28 5.98
N SER B 57 7.06 26.78 5.86
CA SER B 57 5.87 25.95 5.74
C SER B 57 4.70 26.86 5.37
N PRO B 58 3.59 26.31 4.88
CA PRO B 58 2.39 27.14 4.74
C PRO B 58 1.89 27.50 6.11
N GLU B 59 0.99 28.49 6.14
CA GLU B 59 0.34 28.87 7.38
C GLU B 59 -0.17 27.62 8.10
N ARG B 60 -0.13 27.67 9.43
CA ARG B 60 -0.68 26.68 10.36
C ARG B 60 0.04 25.34 10.30
N PHE B 61 1.15 25.25 9.59
CA PHE B 61 2.04 24.10 9.64
C PHE B 61 3.27 24.50 10.44
N SER B 62 3.72 23.62 11.32
CA SER B 62 4.86 23.91 12.19
C SER B 62 5.46 22.62 12.71
N GLY B 63 6.77 22.44 12.50
CA GLY B 63 7.49 21.31 13.03
C GLY B 63 8.11 21.66 14.37
N SER B 64 7.80 20.86 15.39
CA SER B 64 8.31 21.01 16.74
C SER B 64 9.17 19.80 17.08
N LYS B 65 10.07 19.98 18.03
CA LYS B 65 11.09 18.97 18.32
C LYS B 65 11.30 18.86 19.82
N SER B 66 11.42 17.62 20.31
CA SER B 66 11.52 17.39 21.75
C SER B 66 12.22 16.06 22.00
N GLY B 67 13.46 16.12 22.44
CA GLY B 67 14.15 14.92 22.79
C GLY B 67 14.13 13.87 21.70
N SER B 68 13.13 12.99 21.73
CA SER B 68 13.04 11.86 20.80
C SER B 68 11.65 11.75 20.20
N THR B 69 11.02 12.88 19.90
CA THR B 69 9.74 12.88 19.22
C THR B 69 9.56 14.22 18.52
N ALA B 70 9.83 14.26 17.22
CA ALA B 70 9.48 15.43 16.45
C ALA B 70 7.96 15.46 16.24
N THR B 71 7.42 16.65 16.05
CA THR B 71 5.97 16.74 15.87
C THR B 71 5.66 17.69 14.73
N LEU B 72 4.70 17.29 13.91
CA LEU B 72 4.15 18.13 12.84
C LEU B 72 2.77 18.56 13.30
N THR B 73 2.61 19.86 13.55
CA THR B 73 1.36 20.38 14.06
C THR B 73 0.67 21.21 12.99
N ILE B 74 -0.52 20.80 12.62
CA ILE B 74 -1.38 21.54 11.69
C ILE B 74 -2.57 22.05 12.48
N SER B 75 -2.69 23.38 12.57
CA SER B 75 -3.79 24.02 13.28
C SER B 75 -4.91 24.39 12.32
N ARG B 76 -6.10 24.64 12.89
CA ARG B 76 -7.33 24.92 12.13
C ARG B 76 -7.31 24.10 10.86
N VAL B 77 -7.44 22.80 11.04
CA VAL B 77 -7.15 21.89 9.96
C VAL B 77 -8.27 21.94 8.95
N GLU B 78 -7.91 21.78 7.68
CA GLU B 78 -8.83 21.91 6.55
C GLU B 78 -8.85 20.62 5.76
N ALA B 79 -9.98 20.38 5.08
CA ALA B 79 -10.15 19.18 4.27
C ALA B 79 -8.94 18.95 3.36
N GLY B 80 -8.58 19.95 2.56
CA GLY B 80 -7.46 19.82 1.65
C GLY B 80 -6.12 19.53 2.30
N ASP B 81 -6.07 19.51 3.63
CA ASP B 81 -4.88 19.04 4.35
C ASP B 81 -4.81 17.51 4.46
N GLU B 82 -5.86 16.80 4.00
CA GLU B 82 -5.89 15.34 4.04
C GLU B 82 -4.79 14.78 3.17
N ALA B 83 -3.91 13.98 3.77
CA ALA B 83 -2.75 13.49 3.03
C ALA B 83 -2.00 12.50 3.89
N ASP B 84 -1.00 11.87 3.28
CA ASP B 84 0.00 11.16 4.05
C ASP B 84 1.18 12.10 4.29
N TYR B 85 1.57 12.25 5.54
CA TYR B 85 2.71 13.05 5.90
C TYR B 85 3.86 12.13 6.29
N TYR B 86 5.05 12.45 5.79
CA TYR B 86 6.26 11.68 6.06
C TYR B 86 7.27 12.60 6.71
N CYS B 87 7.95 12.13 7.74
CA CYS B 87 9.09 12.86 8.28
C CYS B 87 10.36 12.26 7.72
N GLN B 88 11.39 13.09 7.60
CA GLN B 88 12.63 12.65 6.98
C GLN B 88 13.81 13.29 7.70
N VAL B 89 14.88 12.53 7.86
CA VAL B 89 16.03 12.92 8.64
C VAL B 89 17.29 12.47 7.89
N TRP B 90 18.45 12.83 8.42
CA TRP B 90 19.72 12.31 7.95
C TRP B 90 20.42 11.60 9.10
N ASP B 91 20.61 10.27 8.96
CA ASP B 91 21.39 9.50 9.93
C ASP B 91 22.84 9.50 9.50
N SER B 92 23.59 10.49 9.97
CA SER B 92 25.01 10.57 9.66
C SER B 92 25.81 9.59 10.51
N SER B 93 25.36 8.33 10.55
CA SER B 93 26.14 7.30 11.23
C SER B 93 27.27 6.78 10.33
N GLY B 94 26.95 6.14 9.20
CA GLY B 94 25.63 5.97 8.61
C GLY B 94 25.57 6.47 7.17
N ASP B 95 25.53 7.79 7.03
CA ASP B 95 25.49 8.49 5.74
C ASP B 95 24.35 7.96 4.84
N HIS B 96 23.11 8.13 5.32
CA HIS B 96 21.95 7.80 4.50
C HIS B 96 20.71 8.55 4.98
N VAL B 97 19.65 8.48 4.16
CA VAL B 97 18.40 9.22 4.35
C VAL B 97 17.40 8.30 5.03
N VAL B 98 16.62 8.83 5.96
CA VAL B 98 15.64 8.02 6.68
C VAL B 98 14.27 8.72 6.67
N PHE B 99 13.25 7.97 6.27
CA PHE B 99 11.86 8.39 6.30
C PHE B 99 11.13 7.60 7.37
N GLY B 100 10.08 8.21 7.93
CA GLY B 100 9.13 7.47 8.71
C GLY B 100 8.20 6.72 7.80
N GLY B 101 7.34 5.87 8.39
CA GLY B 101 6.43 5.02 7.63
C GLY B 101 5.22 5.72 7.06
N GLY B 102 5.00 6.99 7.42
CA GLY B 102 3.89 7.78 6.90
C GLY B 102 2.64 7.67 7.74
N THR B 103 1.80 8.71 7.67
CA THR B 103 0.59 8.80 8.46
C THR B 103 -0.52 9.33 7.56
N LYS B 104 -1.61 8.59 7.42
CA LYS B 104 -2.78 9.14 6.74
C LYS B 104 -3.49 10.06 7.72
N LEU B 105 -3.44 11.36 7.45
CA LEU B 105 -4.24 12.31 8.18
C LEU B 105 -5.61 12.37 7.54
N THR B 106 -6.65 12.02 8.29
CA THR B 106 -8.02 12.12 7.79
C THR B 106 -8.73 13.27 8.47
N VAL B 107 -9.25 14.19 7.68
CA VAL B 107 -10.06 15.29 8.18
C VAL B 107 -11.51 14.80 8.22
N LEU B 108 -11.99 14.54 9.44
CA LEU B 108 -13.31 13.96 9.67
C LEU B 108 -14.38 14.81 9.01
N GLY B 109 -15.06 14.22 8.02
CA GLY B 109 -16.14 14.89 7.30
C GLY B 109 -17.42 14.08 7.27
N GLN B 110 -17.48 13.01 8.04
CA GLN B 110 -18.67 12.16 8.13
C GLN B 110 -18.53 11.28 9.37
N PRO B 111 -19.62 10.66 9.83
CA PRO B 111 -19.55 9.95 11.11
C PRO B 111 -18.65 8.71 11.07
N LYS B 112 -17.82 8.56 12.12
CA LYS B 112 -16.96 7.38 12.29
C LYS B 112 -17.75 6.09 12.16
N ALA B 113 -17.11 5.07 11.57
CA ALA B 113 -17.72 3.75 11.40
C ALA B 113 -16.66 2.66 11.58
N ALA B 114 -16.93 1.71 12.48
CA ALA B 114 -16.04 0.59 12.68
C ALA B 114 -16.06 -0.32 11.45
N PRO B 115 -15.07 -1.21 11.32
CA PRO B 115 -15.08 -2.12 10.17
C PRO B 115 -16.03 -3.30 10.37
N SER B 116 -16.76 -3.61 9.30
CA SER B 116 -17.54 -4.84 9.17
C SER B 116 -16.65 -5.94 8.56
N VAL B 117 -16.11 -6.83 9.40
CA VAL B 117 -15.14 -7.81 8.94
C VAL B 117 -15.85 -9.09 8.50
N THR B 118 -15.17 -9.87 7.65
CA THR B 118 -15.69 -11.14 7.14
C THR B 118 -14.51 -12.00 6.69
N LEU B 119 -14.25 -13.11 7.37
CA LEU B 119 -13.14 -14.00 7.01
C LEU B 119 -13.66 -15.23 6.26
N PHE B 120 -12.98 -15.59 5.18
CA PHE B 120 -13.34 -16.78 4.43
C PHE B 120 -12.19 -17.78 4.48
N PRO B 121 -12.44 -19.04 4.83
CA PRO B 121 -11.35 -20.05 4.81
C PRO B 121 -11.09 -20.51 3.39
N PRO B 122 -10.01 -21.23 3.14
CA PRO B 122 -9.81 -21.81 1.82
C PRO B 122 -11.04 -22.60 1.38
N SER B 123 -11.33 -22.55 0.08
CA SER B 123 -12.39 -23.36 -0.48
C SER B 123 -11.91 -24.79 -0.69
N SER B 124 -12.84 -25.73 -0.61
CA SER B 124 -12.51 -27.12 -0.90
C SER B 124 -11.95 -27.25 -2.31
N GLU B 125 -12.47 -26.46 -3.25
CA GLU B 125 -11.91 -26.46 -4.60
C GLU B 125 -10.44 -26.13 -4.57
N GLU B 126 -10.12 -24.93 -4.07
CA GLU B 126 -8.73 -24.49 -4.02
C GLU B 126 -7.86 -25.51 -3.29
N LEU B 127 -8.37 -26.09 -2.21
CA LEU B 127 -7.61 -27.12 -1.51
C LEU B 127 -7.27 -28.27 -2.45
N GLN B 128 -8.25 -28.72 -3.25
CA GLN B 128 -8.00 -29.85 -4.13
C GLN B 128 -6.99 -29.50 -5.20
N ALA B 129 -6.88 -28.20 -5.53
CA ALA B 129 -5.90 -27.70 -6.49
C ALA B 129 -4.53 -27.48 -5.87
N ASN B 130 -4.30 -28.02 -4.66
CA ASN B 130 -3.00 -27.95 -3.98
C ASN B 130 -2.62 -26.52 -3.62
N LYS B 131 -3.61 -25.74 -3.18
CA LYS B 131 -3.40 -24.38 -2.69
C LYS B 131 -4.40 -24.09 -1.57
N ALA B 132 -4.30 -22.88 -1.02
CA ALA B 132 -5.09 -22.44 0.12
C ALA B 132 -4.89 -20.96 0.36
N THR B 133 -5.96 -20.20 0.39
CA THR B 133 -5.88 -18.77 0.64
C THR B 133 -6.93 -18.43 1.67
N LEU B 134 -6.55 -17.61 2.64
CA LEU B 134 -7.52 -17.02 3.53
C LEU B 134 -7.83 -15.62 3.02
N VAL B 135 -9.07 -15.20 3.22
CA VAL B 135 -9.56 -13.98 2.58
C VAL B 135 -10.33 -13.18 3.62
N CYS B 136 -9.80 -12.03 3.99
CA CYS B 136 -10.39 -11.16 5.00
C CYS B 136 -10.95 -9.93 4.32
N LEU B 137 -12.28 -9.83 4.25
CA LEU B 137 -12.97 -8.67 3.70
C LEU B 137 -13.31 -7.68 4.80
N ILE B 138 -12.99 -6.42 4.55
CA ILE B 138 -13.18 -5.33 5.51
C ILE B 138 -13.96 -4.23 4.82
N SER B 139 -15.09 -3.82 5.41
CA SER B 139 -16.00 -2.93 4.69
C SER B 139 -16.77 -2.03 5.65
N ASP B 140 -17.34 -0.97 5.08
CA ASP B 140 -18.25 -0.07 5.78
C ASP B 140 -17.55 0.68 6.92
N PHE B 141 -16.37 1.21 6.63
CA PHE B 141 -15.61 1.86 7.69
C PHE B 141 -15.10 3.23 7.22
N TYR B 142 -14.99 4.14 8.20
CA TYR B 142 -14.51 5.50 8.07
C TYR B 142 -13.92 5.91 9.41
N PRO B 143 -12.75 6.56 9.42
CA PRO B 143 -11.93 6.93 8.26
C PRO B 143 -11.34 5.69 7.53
N GLY B 144 -10.94 5.86 6.27
CA GLY B 144 -10.29 4.78 5.57
C GLY B 144 -8.85 4.56 5.96
N ALA B 145 -8.59 3.86 7.07
CA ALA B 145 -7.22 3.48 7.43
C ALA B 145 -7.28 2.34 8.42
N VAL B 146 -6.97 1.14 7.99
CA VAL B 146 -6.91 0.01 8.91
C VAL B 146 -5.50 -0.56 8.88
N THR B 147 -5.15 -1.28 9.94
CA THR B 147 -4.02 -2.18 9.90
C THR B 147 -4.48 -3.59 10.27
N VAL B 148 -3.89 -4.58 9.62
CA VAL B 148 -4.36 -5.96 9.69
C VAL B 148 -3.23 -6.84 10.19
N ALA B 149 -3.50 -7.63 11.22
CA ALA B 149 -2.59 -8.65 11.68
C ALA B 149 -3.24 -10.03 11.51
N TRP B 150 -2.51 -10.93 10.88
CA TRP B 150 -2.86 -12.34 10.87
C TRP B 150 -1.96 -13.08 11.86
N LYS B 151 -2.45 -14.24 12.30
CA LYS B 151 -1.70 -15.05 13.24
C LYS B 151 -2.29 -16.46 13.38
N ALA B 152 -3.54 -16.51 13.88
CA ALA B 152 -3.93 -17.30 15.07
C ALA B 152 -3.61 -18.77 15.31
N ASP B 153 -2.32 -19.11 15.32
CA ASP B 153 -1.81 -19.88 16.44
C ASP B 153 -1.46 -18.92 17.58
N SER B 154 -2.11 -17.74 17.56
CA SER B 154 -1.84 -16.55 18.37
C SER B 154 -0.45 -15.98 18.05
N SER B 155 0.41 -16.80 17.46
CA SER B 155 1.73 -16.33 17.07
C SER B 155 1.63 -15.47 15.80
N PRO B 156 2.24 -14.30 15.78
CA PRO B 156 2.16 -13.44 14.60
C PRO B 156 2.73 -14.16 13.37
N VAL B 157 1.97 -14.15 12.29
CA VAL B 157 2.37 -14.94 11.13
C VAL B 157 3.19 -14.12 10.15
N LYS B 158 2.73 -12.90 9.84
CA LYS B 158 3.18 -12.14 8.67
C LYS B 158 3.56 -13.08 7.52
N ALA B 159 4.47 -12.66 6.65
CA ALA B 159 5.12 -13.56 5.70
C ALA B 159 4.19 -14.14 4.64
N GLY B 160 2.94 -14.41 4.96
CA GLY B 160 2.01 -14.86 3.96
C GLY B 160 1.09 -13.79 3.44
N VAL B 161 1.27 -12.54 3.88
CA VAL B 161 0.21 -11.54 3.91
C VAL B 161 0.37 -10.53 2.78
N GLU B 162 -0.76 -10.13 2.20
CA GLU B 162 -0.85 -8.97 1.35
C GLU B 162 -2.17 -8.26 1.65
N THR B 163 -2.13 -6.94 1.73
CA THR B 163 -3.29 -6.17 2.17
C THR B 163 -3.48 -4.97 1.25
N THR B 164 -4.72 -4.73 0.84
CA THR B 164 -4.96 -3.62 -0.05
C THR B 164 -5.00 -2.32 0.74
N THR B 165 -4.88 -1.20 0.03
CA THR B 165 -5.16 -0.01 0.80
C THR B 165 -6.61 0.42 0.59
N PRO B 166 -7.21 1.06 1.63
CA PRO B 166 -8.65 1.37 1.62
C PRO B 166 -9.11 2.12 0.38
N SER B 167 -10.39 1.99 0.04
CA SER B 167 -10.94 2.62 -1.14
C SER B 167 -12.40 3.02 -0.89
N LYS B 168 -12.77 4.20 -1.41
CA LYS B 168 -14.16 4.65 -1.34
C LYS B 168 -15.07 3.59 -1.95
N GLN B 169 -16.21 3.35 -1.31
CA GLN B 169 -17.16 2.40 -1.84
C GLN B 169 -18.43 3.12 -2.29
N SER B 170 -19.48 2.33 -2.54
CA SER B 170 -20.75 2.88 -3.01
C SER B 170 -21.32 3.85 -1.99
N ASN B 171 -21.44 3.41 -0.74
CA ASN B 171 -21.99 4.20 0.34
C ASN B 171 -20.95 5.07 1.03
N ASN B 172 -19.95 5.55 0.29
CA ASN B 172 -19.01 6.59 0.74
C ASN B 172 -18.16 6.26 1.97
N LYS B 173 -18.29 5.06 2.55
CA LYS B 173 -17.31 4.57 3.53
C LYS B 173 -16.16 3.90 2.77
N TYR B 174 -15.29 3.19 3.48
CA TYR B 174 -14.13 2.60 2.84
C TYR B 174 -14.14 1.08 2.97
N ALA B 175 -13.50 0.43 2.01
CA ALA B 175 -13.39 -1.03 1.95
C ALA B 175 -11.92 -1.44 1.73
N ALA B 176 -11.53 -2.55 2.34
CA ALA B 176 -10.17 -3.05 2.19
C ALA B 176 -10.16 -4.56 2.34
N SER B 177 -9.05 -5.20 1.94
CA SER B 177 -9.00 -6.66 1.96
C SER B 177 -7.58 -7.15 2.23
N SER B 178 -7.48 -8.29 2.92
CA SER B 178 -6.19 -8.88 3.20
C SER B 178 -6.21 -10.35 2.81
N TYR B 179 -5.05 -10.89 2.48
CA TYR B 179 -4.93 -12.29 2.08
C TYR B 179 -3.75 -12.94 2.78
N LEU B 180 -3.94 -14.17 3.24
CA LEU B 180 -2.88 -14.96 3.84
C LEU B 180 -2.68 -16.19 2.96
N SER B 181 -1.60 -16.19 2.17
CA SER B 181 -1.38 -17.25 1.19
C SER B 181 -0.69 -18.44 1.85
N LEU B 182 -1.36 -19.58 1.85
CA LEU B 182 -0.90 -20.84 2.43
C LEU B 182 -0.75 -21.90 1.35
N THR B 183 -0.30 -23.07 1.77
CA THR B 183 -0.45 -24.34 1.05
C THR B 183 -1.35 -25.26 1.85
N PRO B 184 -2.05 -26.21 1.20
CA PRO B 184 -3.09 -26.97 1.91
C PRO B 184 -2.65 -27.52 3.26
N GLU B 185 -1.43 -28.03 3.33
CA GLU B 185 -0.92 -28.64 4.56
C GLU B 185 -0.63 -27.60 5.63
N GLN B 186 -0.08 -26.44 5.23
CA GLN B 186 0.06 -25.33 6.17
C GLN B 186 -1.28 -25.00 6.83
N TRP B 187 -2.32 -24.85 5.99
CA TRP B 187 -3.68 -24.71 6.50
C TRP B 187 -4.06 -25.85 7.43
N LYS B 188 -3.71 -27.09 7.04
CA LYS B 188 -4.09 -28.29 7.79
C LYS B 188 -3.53 -28.27 9.22
N SER B 189 -2.23 -27.97 9.34
CA SER B 189 -1.51 -28.01 10.62
C SER B 189 -2.24 -27.25 11.73
N HIS B 190 -2.06 -25.94 11.78
CA HIS B 190 -2.54 -25.13 12.89
C HIS B 190 -4.03 -25.37 13.10
N ARG B 191 -4.47 -25.31 14.36
CA ARG B 191 -5.87 -25.54 14.64
C ARG B 191 -6.72 -24.39 14.13
N SER B 192 -6.21 -23.16 14.22
CA SER B 192 -6.98 -21.96 13.88
C SER B 192 -6.12 -21.01 13.04
N TYR B 193 -6.76 -19.93 12.59
CA TYR B 193 -6.11 -18.76 12.03
C TYR B 193 -7.06 -17.57 12.28
N SER B 194 -6.50 -16.37 12.53
CA SER B 194 -7.31 -15.17 12.75
C SER B 194 -6.79 -13.97 11.99
N CYS B 195 -7.73 -13.23 11.41
CA CYS B 195 -7.52 -11.91 10.83
C CYS B 195 -8.06 -10.89 11.81
N GLN B 196 -7.20 -9.98 12.24
CA GLN B 196 -7.56 -9.01 13.27
C GLN B 196 -7.34 -7.61 12.70
N VAL B 197 -8.42 -6.85 12.60
CA VAL B 197 -8.39 -5.56 11.93
C VAL B 197 -8.38 -4.47 12.99
N THR B 198 -7.28 -3.76 13.11
CA THR B 198 -7.20 -2.57 13.96
C THR B 198 -7.72 -1.35 13.21
N HIS B 199 -8.55 -0.53 13.87
CA HIS B 199 -9.15 0.66 13.25
C HIS B 199 -9.40 1.71 14.33
N GLU B 200 -8.55 2.73 14.38
CA GLU B 200 -8.67 3.83 15.35
C GLU B 200 -8.72 3.29 16.79
N GLY B 201 -7.63 2.62 17.17
CA GLY B 201 -7.54 2.03 18.48
C GLY B 201 -8.63 1.03 18.81
N SER B 202 -9.35 0.57 17.81
CA SER B 202 -10.27 -0.52 18.02
C SER B 202 -9.78 -1.75 17.25
N THR B 203 -10.44 -2.87 17.51
CA THR B 203 -9.98 -4.15 17.03
C THR B 203 -11.21 -5.03 16.82
N VAL B 204 -11.48 -5.38 15.57
CA VAL B 204 -12.47 -6.38 15.22
C VAL B 204 -11.70 -7.61 14.76
N GLU B 205 -11.99 -8.76 15.39
CA GLU B 205 -11.29 -10.01 15.10
C GLU B 205 -12.25 -11.08 14.57
N LYS B 206 -11.71 -11.95 13.72
CA LYS B 206 -12.43 -13.12 13.22
C LYS B 206 -11.43 -14.28 13.11
N THR B 207 -11.97 -15.50 13.19
CA THR B 207 -11.16 -16.72 13.24
C THR B 207 -11.84 -17.83 12.43
N VAL B 208 -11.02 -18.77 11.94
CA VAL B 208 -11.48 -19.91 11.14
C VAL B 208 -10.62 -21.14 11.47
N ALA B 209 -11.20 -22.32 11.24
CA ALA B 209 -10.55 -23.61 11.54
C ALA B 209 -10.90 -24.63 10.47
N PRO B 210 -9.97 -25.58 10.17
CA PRO B 210 -10.22 -26.56 9.10
C PRO B 210 -11.34 -27.56 9.41
N THR B 211 -12.40 -27.14 10.10
CA THR B 211 -13.52 -28.03 10.43
C THR B 211 -14.20 -28.53 9.15
#